data_7CHK
#
_entry.id   7CHK
#
_cell.length_a   1.00
_cell.length_b   1.00
_cell.length_c   1.00
_cell.angle_alpha   90.00
_cell.angle_beta   90.00
_cell.angle_gamma   90.00
#
_symmetry.space_group_name_H-M   'P 1'
#
loop_
_entity.id
_entity.type
_entity.pdbx_description
1 polymer 'VP20 protein'
2 polymer 'VP24 protein'
3 polymer 'VP25 protein'
#
loop_
_entity_poly.entity_id
_entity_poly.type
_entity_poly.pdbx_seq_one_letter_code
_entity_poly.pdbx_strand_id
1 'polypeptide(L)'
;GACLSIPNFPVHITGKTQQLHVGPKPSIARFSFNPFDLGTVFNRFQSLCAHLEGYSGDLIVNWLVTCSALTNARLYIIPV
YDNYSFEKFSEEKLIQCKYEFKQISLVRKGTVHIPFVNWFGSYSRTRFPKLLFYFPNGVSGPSGEKIHVTVQLDRILNFS
GLGHRLFKEIGPLVGE
;
A
2 'polypeptide(L)'
;GSDPFSFLLNYSHCGTLVESSLNKGGMWCVPVSPVNLAAYTLQGEALVFNDAFVSKTHNWLHFMASTTAYWRGTLHYQMR
VTYKDRNAACRNLVAFYTTNNESLFGFNNKPVGDTGISSVMGDSFSVDITVPFLIPTCYLQTIRGKFDYLNSCNGCIYFH
LPTKSATSVQLWVRPGQDFDFARFRLLKAGYT
;
B
3 'polypeptide(L)'
;GPDFTKIIWPTVVERNFSNPQSEITTTLQELYGDTFETVSICPPQSYGGELLKGKIFFSSTPEFTREDLVEGKILASFKL
DEVLSGLGMGAMLMTQIMSGHATIRVSAKVMLSKFCSFALKLVYDELMQLNSDTTDFGKISVLPGAIFSTQEEEFSFDFE
LFSPGVHLKFDNNKLLGKVHLAALSAPNLTENMPESFSCTFNFSIVDVKTTFYNIGQ
;
C
#
# COMPACT_ATOMS: atom_id res chain seq x y z
N CYS A 3 -2.17 -17.22 8.42
CA CYS A 3 -1.05 -16.48 8.97
C CYS A 3 -0.78 -16.89 10.42
N LEU A 4 0.50 -17.01 10.77
CA LEU A 4 0.85 -17.33 12.15
C LEU A 4 0.74 -16.09 13.01
N SER A 5 0.26 -16.28 14.24
CA SER A 5 0.03 -15.19 15.17
C SER A 5 0.80 -15.45 16.45
N ILE A 6 1.53 -14.43 16.90
CA ILE A 6 2.35 -14.52 18.10
C ILE A 6 1.99 -13.33 18.98
N PRO A 7 1.47 -13.55 20.18
CA PRO A 7 1.04 -12.41 21.01
C PRO A 7 2.23 -11.56 21.45
N ASN A 8 3.25 -12.23 21.97
CA ASN A 8 4.48 -11.58 22.38
C ASN A 8 5.63 -12.30 21.68
N PHE A 9 6.51 -11.55 21.03
CA PHE A 9 7.63 -12.14 20.30
C PHE A 9 8.89 -11.33 20.63
N PRO A 10 9.67 -11.79 21.61
CA PRO A 10 10.91 -11.08 21.94
C PRO A 10 11.98 -11.31 20.89
N VAL A 11 12.69 -10.24 20.53
CA VAL A 11 13.73 -10.32 19.51
C VAL A 11 15.07 -9.78 19.97
N HIS A 12 15.11 -8.89 20.96
CA HIS A 12 16.32 -8.31 21.53
C HIS A 12 17.38 -7.98 20.46
N ILE A 13 16.98 -7.16 19.50
CA ILE A 13 17.88 -6.67 18.47
C ILE A 13 18.27 -5.24 18.82
N THR A 14 19.56 -4.98 18.92
CA THR A 14 20.04 -3.63 19.24
C THR A 14 20.57 -2.98 17.96
N GLY A 15 20.17 -1.75 17.74
CA GLY A 15 20.66 -1.03 16.60
C GLY A 15 22.05 -0.49 16.84
N LYS A 16 22.63 0.03 15.77
CA LYS A 16 23.95 0.66 15.88
C LYS A 16 23.84 1.94 16.70
N THR A 17 24.79 2.13 17.60
CA THR A 17 24.83 3.33 18.42
C THR A 17 25.36 4.49 17.59
N GLN A 18 24.66 5.61 17.61
CA GLN A 18 24.96 6.73 16.73
C GLN A 18 25.49 7.91 17.53
N GLN A 19 26.63 8.43 17.09
CA GLN A 19 27.27 9.58 17.71
C GLN A 19 26.56 10.87 17.34
N LEU A 20 26.71 11.86 18.21
CA LEU A 20 26.35 13.23 17.90
C LEU A 20 27.35 14.14 18.60
N HIS A 21 28.07 14.92 17.80
CA HIS A 21 28.97 15.92 18.36
C HIS A 21 28.15 17.08 18.92
N VAL A 22 28.72 17.75 19.94
CA VAL A 22 28.04 18.91 20.49
C VAL A 22 28.17 20.07 19.51
N GLY A 23 27.12 20.87 19.44
CA GLY A 23 27.09 22.02 18.56
C GLY A 23 25.71 22.63 18.52
N PRO A 24 25.59 23.80 17.89
CA PRO A 24 24.28 24.44 17.76
C PRO A 24 23.46 23.98 16.57
N LYS A 25 24.03 23.18 15.66
CA LYS A 25 23.31 22.80 14.46
C LYS A 25 22.26 21.75 14.78
N PRO A 26 21.09 21.82 14.14
CA PRO A 26 20.04 20.83 14.41
C PRO A 26 20.46 19.45 13.93
N SER A 27 20.23 18.46 14.78
CA SER A 27 20.76 17.12 14.54
C SER A 27 19.62 16.11 14.47
N ILE A 28 19.82 15.05 13.68
CA ILE A 28 18.85 13.97 13.57
C ILE A 28 19.60 12.65 13.62
N ALA A 29 19.13 11.73 14.46
CA ALA A 29 19.60 10.35 14.48
C ALA A 29 18.47 9.45 14.00
N ARG A 30 18.69 8.78 12.89
CA ARG A 30 17.68 7.90 12.29
C ARG A 30 17.93 6.46 12.72
N PHE A 31 16.88 5.79 13.18
CA PHE A 31 16.95 4.37 13.46
C PHE A 31 15.81 3.69 12.70
N SER A 32 16.15 2.97 11.64
CA SER A 32 15.20 2.12 10.96
C SER A 32 15.02 0.85 11.76
N PHE A 33 13.80 0.32 11.76
CA PHE A 33 13.53 -0.92 12.48
C PHE A 33 13.10 -1.97 11.48
N ASN A 34 14.11 -2.61 10.88
CA ASN A 34 13.91 -3.58 9.80
C ASN A 34 14.59 -4.88 10.20
N PRO A 35 13.91 -5.74 10.96
CA PRO A 35 14.53 -7.00 11.37
C PRO A 35 14.92 -7.89 10.20
N PHE A 36 14.27 -7.75 9.05
CA PHE A 36 14.67 -8.50 7.87
C PHE A 36 16.07 -8.11 7.40
N ASP A 37 16.58 -6.97 7.83
CA ASP A 37 17.93 -6.58 7.47
C ASP A 37 18.93 -7.53 8.11
N LEU A 38 19.83 -8.05 7.30
CA LEU A 38 20.79 -9.04 7.75
C LEU A 38 22.14 -8.38 8.03
N GLY A 39 22.86 -8.98 8.96
CA GLY A 39 24.20 -8.54 9.30
C GLY A 39 25.15 -9.71 9.28
N THR A 40 26.03 -9.76 10.28
CA THR A 40 26.96 -10.87 10.38
C THR A 40 26.27 -12.11 10.93
N VAL A 41 25.35 -11.93 11.86
CA VAL A 41 24.65 -13.03 12.51
C VAL A 41 23.15 -12.81 12.29
N PHE A 42 22.41 -13.92 12.22
CA PHE A 42 20.97 -13.84 12.08
C PHE A 42 20.32 -13.60 13.44
N ASN A 43 19.46 -12.58 13.52
CA ASN A 43 18.86 -12.28 14.80
C ASN A 43 17.69 -13.21 15.06
N ARG A 44 17.14 -13.11 16.28
CA ARG A 44 16.05 -13.99 16.69
C ARG A 44 14.85 -13.86 15.77
N PHE A 45 14.64 -12.69 15.19
CA PHE A 45 13.54 -12.53 14.23
C PHE A 45 13.79 -13.39 12.99
N GLN A 46 14.98 -13.32 12.41
CA GLN A 46 15.24 -14.06 11.18
C GLN A 46 15.30 -15.56 11.42
N SER A 47 15.73 -16.01 12.59
CA SER A 47 15.85 -17.45 12.81
C SER A 47 14.52 -18.15 12.74
N LEU A 48 13.42 -17.45 12.98
CA LEU A 48 12.10 -18.06 13.03
C LEU A 48 11.13 -17.51 12.00
N CYS A 49 11.33 -16.30 11.51
CA CYS A 49 10.37 -15.69 10.59
C CYS A 49 11.08 -14.94 9.48
N ALA A 50 12.13 -15.53 8.92
CA ALA A 50 12.76 -14.94 7.74
C ALA A 50 12.17 -15.45 6.44
N HIS A 51 11.51 -16.61 6.47
CA HIS A 51 10.85 -17.10 5.29
C HIS A 51 9.62 -16.29 4.92
N LEU A 52 9.14 -15.45 5.83
CA LEU A 52 7.93 -14.67 5.59
C LEU A 52 8.18 -13.57 4.57
N GLU A 53 7.12 -13.20 3.85
CA GLU A 53 7.17 -12.08 2.94
C GLU A 53 6.97 -10.75 3.65
N GLY A 54 6.14 -10.75 4.68
CA GLY A 54 5.90 -9.53 5.44
C GLY A 54 5.17 -9.85 6.72
N TYR A 55 5.33 -8.98 7.70
CA TYR A 55 4.77 -9.20 9.02
C TYR A 55 3.98 -7.98 9.45
N SER A 56 3.39 -8.08 10.64
CA SER A 56 2.61 -6.99 11.20
C SER A 56 2.65 -7.09 12.72
N GLY A 57 2.72 -5.96 13.38
CA GLY A 57 2.70 -5.96 14.83
C GLY A 57 3.31 -4.70 15.39
N ASP A 58 2.98 -4.43 16.64
CA ASP A 58 3.45 -3.25 17.35
C ASP A 58 4.87 -3.48 17.84
N LEU A 59 5.73 -2.48 17.66
CA LEU A 59 7.11 -2.58 18.10
C LEU A 59 7.29 -1.91 19.45
N ILE A 60 8.17 -2.47 20.27
CA ILE A 60 8.57 -1.88 21.53
C ILE A 60 10.06 -1.63 21.45
N VAL A 61 10.49 -0.39 21.69
CA VAL A 61 11.88 -0.02 21.51
C VAL A 61 12.40 0.64 22.77
N ASN A 62 13.50 0.14 23.30
CA ASN A 62 14.19 0.77 24.41
C ASN A 62 15.20 1.76 23.85
N TRP A 63 15.03 3.03 24.16
CA TRP A 63 15.96 4.04 23.68
C TRP A 63 16.75 4.62 24.85
N LEU A 64 17.95 5.07 24.53
CA LEU A 64 18.91 5.47 25.54
C LEU A 64 19.79 6.57 24.97
N VAL A 65 19.97 7.63 25.73
CA VAL A 65 20.84 8.74 25.35
C VAL A 65 21.90 8.88 26.45
N THR A 66 23.14 8.61 26.10
CA THR A 66 24.24 8.71 27.05
C THR A 66 25.00 10.00 26.79
N CYS A 67 25.01 10.87 27.78
CA CYS A 67 25.66 12.16 27.77
C CYS A 67 26.31 12.38 29.12
N SER A 68 26.88 13.56 29.32
CA SER A 68 27.45 13.94 30.60
C SER A 68 26.34 14.41 31.53
N ALA A 69 26.75 14.92 32.69
CA ALA A 69 25.81 15.52 33.62
C ALA A 69 25.65 17.02 33.41
N LEU A 70 26.48 17.63 32.57
CA LEU A 70 26.43 19.05 32.26
C LEU A 70 26.08 19.28 30.80
N THR A 71 25.24 18.41 30.24
CA THR A 71 24.89 18.46 28.82
C THR A 71 23.40 18.68 28.68
N ASN A 72 23.03 19.67 27.86
CA ASN A 72 21.63 20.04 27.65
C ASN A 72 21.25 19.81 26.20
N ALA A 73 20.03 19.32 25.99
CA ALA A 73 19.47 19.17 24.66
C ALA A 73 17.98 18.92 24.79
N ARG A 74 17.24 19.34 23.77
CA ARG A 74 15.84 18.98 23.64
C ARG A 74 15.73 17.85 22.62
N LEU A 75 14.92 16.85 22.95
CA LEU A 75 14.82 15.65 22.13
C LEU A 75 13.38 15.48 21.67
N TYR A 76 13.20 15.34 20.36
CA TYR A 76 11.91 14.99 19.76
C TYR A 76 12.04 13.59 19.18
N ILE A 77 11.32 12.63 19.76
CA ILE A 77 11.26 11.29 19.18
C ILE A 77 10.08 11.24 18.23
N ILE A 78 10.35 11.03 16.95
CA ILE A 78 9.36 11.17 15.89
C ILE A 78 9.24 9.87 15.12
N PRO A 79 8.07 9.27 15.03
CA PRO A 79 7.89 8.14 14.12
C PRO A 79 7.83 8.60 12.68
N VAL A 80 8.26 7.72 11.78
CA VAL A 80 8.18 7.94 10.35
C VAL A 80 7.69 6.64 9.74
N TYR A 81 6.47 6.65 9.22
CA TYR A 81 5.87 5.49 8.57
C TYR A 81 5.89 5.65 7.06
N ASP A 82 5.51 4.58 6.37
CA ASP A 82 5.39 4.54 4.92
C ASP A 82 6.68 4.93 4.21
N ASN A 83 7.79 4.87 4.92
CA ASN A 83 9.13 5.06 4.35
C ASN A 83 9.25 6.40 3.63
N TYR A 84 9.01 7.45 4.38
CA TYR A 84 9.27 8.80 3.92
C TYR A 84 10.61 9.28 4.45
N SER A 85 11.20 10.23 3.74
CA SER A 85 12.51 10.77 4.11
C SER A 85 12.34 12.23 4.49
N PHE A 86 12.66 12.56 5.73
CA PHE A 86 12.62 13.92 6.23
C PHE A 86 14.04 14.38 6.52
N GLU A 87 14.48 15.43 5.82
CA GLU A 87 15.77 16.02 6.16
C GLU A 87 15.64 17.05 7.27
N LYS A 88 14.64 17.91 7.18
CA LYS A 88 14.38 18.94 8.17
C LYS A 88 12.96 18.83 8.68
N PHE A 89 12.79 19.17 9.95
CA PHE A 89 11.48 19.17 10.58
C PHE A 89 11.03 20.60 10.87
N SER A 90 9.72 20.82 10.78
CA SER A 90 9.12 22.10 11.09
C SER A 90 8.61 22.04 12.53
N GLU A 91 9.30 22.73 13.43
CA GLU A 91 8.92 22.68 14.84
C GLU A 91 7.51 23.21 15.05
N GLU A 92 7.08 24.17 14.25
CA GLU A 92 5.68 24.57 14.25
C GLU A 92 4.76 23.37 14.01
N LYS A 93 5.12 22.52 13.05
CA LYS A 93 4.29 21.36 12.76
C LYS A 93 4.31 20.35 13.91
N LEU A 94 5.45 20.22 14.59
CA LEU A 94 5.55 19.28 15.70
C LEU A 94 4.75 19.75 16.90
N ILE A 95 4.76 21.05 17.18
CA ILE A 95 3.99 21.57 18.31
C ILE A 95 2.52 21.60 17.97
N GLN A 96 2.18 21.72 16.68
CA GLN A 96 0.79 21.63 16.28
C GLN A 96 0.24 20.22 16.43
N CYS A 97 1.09 19.21 16.29
CA CYS A 97 0.70 17.82 16.48
C CYS A 97 0.87 17.37 17.92
N LYS A 98 1.15 18.30 18.83
CA LYS A 98 1.23 18.04 20.26
C LYS A 98 2.37 17.10 20.61
N TYR A 99 3.43 17.08 19.82
CA TYR A 99 4.64 16.40 20.23
C TYR A 99 5.25 17.11 21.43
N GLU A 100 5.72 16.34 22.40
CA GLU A 100 6.37 16.87 23.58
C GLU A 100 7.84 16.52 23.54
N PHE A 101 8.69 17.53 23.69
CA PHE A 101 10.12 17.31 23.75
C PHE A 101 10.54 17.01 25.18
N LYS A 102 11.64 16.28 25.32
CA LYS A 102 12.20 15.95 26.62
C LYS A 102 13.63 16.46 26.72
N GLN A 103 13.95 17.05 27.86
CA GLN A 103 15.30 17.54 28.11
C GLN A 103 16.18 16.38 28.55
N ILE A 104 17.23 16.10 27.78
CA ILE A 104 18.06 14.93 28.08
C ILE A 104 18.83 15.07 29.38
N SER A 105 18.87 16.26 29.96
CA SER A 105 19.42 16.42 31.29
C SER A 105 18.45 16.00 32.37
N LEU A 106 17.24 15.62 32.02
CA LEU A 106 16.24 15.15 32.97
C LEU A 106 15.63 13.81 32.60
N VAL A 107 15.46 13.53 31.32
CA VAL A 107 14.88 12.28 30.85
C VAL A 107 15.69 11.76 29.66
N ARG A 108 16.55 10.77 29.91
CA ARG A 108 17.43 10.27 28.86
C ARG A 108 17.40 8.75 28.79
N LYS A 109 16.23 8.16 29.03
CA LYS A 109 16.00 6.74 28.92
C LYS A 109 14.51 6.55 28.71
N GLY A 110 14.14 5.58 27.89
CA GLY A 110 12.71 5.42 27.70
C GLY A 110 12.35 4.22 26.88
N THR A 111 11.05 4.00 26.76
CA THR A 111 10.48 2.94 25.95
C THR A 111 9.43 3.53 25.03
N VAL A 112 9.53 3.25 23.74
CA VAL A 112 8.64 3.78 22.73
C VAL A 112 7.82 2.63 22.17
N HIS A 113 6.50 2.75 22.28
CA HIS A 113 5.57 1.85 21.62
C HIS A 113 5.23 2.40 20.25
N ILE A 114 5.48 1.61 19.22
CA ILE A 114 5.20 2.00 17.83
C ILE A 114 4.03 1.16 17.33
N PRO A 115 2.84 1.75 17.23
CA PRO A 115 1.70 1.01 16.69
C PRO A 115 1.91 0.72 15.21
N PHE A 116 1.26 -0.33 14.73
CA PHE A 116 1.42 -0.71 13.34
C PHE A 116 0.75 0.32 12.44
N VAL A 117 1.56 0.96 11.60
CA VAL A 117 1.06 1.93 10.63
C VAL A 117 1.82 1.71 9.34
N ASN A 118 1.16 1.17 8.33
CA ASN A 118 1.75 1.06 7.01
C ASN A 118 0.62 1.09 5.99
N TRP A 119 0.84 1.81 4.89
CA TRP A 119 -0.20 1.94 3.89
C TRP A 119 -0.43 0.62 3.17
N PHE A 120 0.63 -0.15 2.97
CA PHE A 120 0.56 -1.37 2.19
C PHE A 120 -0.17 -2.47 2.94
N GLY A 121 -0.10 -2.45 4.26
CA GLY A 121 -0.76 -3.45 5.08
C GLY A 121 0.19 -4.30 5.89
N SER A 122 1.50 -4.14 5.76
CA SER A 122 2.45 -4.96 6.48
C SER A 122 3.84 -4.37 6.31
N TYR A 123 4.73 -4.75 7.21
CA TYR A 123 6.14 -4.45 7.07
C TYR A 123 6.82 -5.52 6.24
N SER A 124 8.01 -5.22 5.75
CA SER A 124 8.68 -6.12 4.82
C SER A 124 10.17 -5.80 4.83
N ARG A 125 10.89 -6.29 3.82
CA ARG A 125 12.28 -5.90 3.63
C ARG A 125 12.40 -4.43 3.25
N THR A 126 11.40 -3.90 2.55
CA THR A 126 11.43 -2.53 2.07
C THR A 126 10.51 -1.60 2.84
N ARG A 127 9.54 -2.13 3.57
CA ARG A 127 8.61 -1.32 4.33
C ARG A 127 8.89 -1.56 5.81
N PHE A 128 9.29 -0.49 6.51
CA PHE A 128 9.61 -0.60 7.93
C PHE A 128 9.42 0.76 8.56
N PRO A 129 9.18 0.83 9.85
CA PRO A 129 9.09 2.11 10.53
C PRO A 129 10.47 2.67 10.84
N LYS A 130 10.52 3.99 11.00
CA LYS A 130 11.73 4.68 11.40
C LYS A 130 11.43 5.50 12.65
N LEU A 131 12.42 5.62 13.52
CA LEU A 131 12.31 6.44 14.71
C LEU A 131 13.42 7.47 14.62
N LEU A 132 13.05 8.74 14.60
CA LEU A 132 14.00 9.84 14.41
C LEU A 132 14.14 10.59 15.71
N PHE A 133 15.36 10.67 16.21
CA PHE A 133 15.67 11.44 17.40
C PHE A 133 16.17 12.79 16.91
N TYR A 134 15.35 13.81 17.06
CA TYR A 134 15.57 15.12 16.47
C TYR A 134 15.90 16.12 17.57
N PHE A 135 17.14 16.61 17.55
CA PHE A 135 17.60 17.63 18.48
C PHE A 135 17.53 18.98 17.77
N PRO A 136 16.53 19.82 18.04
CA PRO A 136 16.38 21.05 17.25
C PRO A 136 17.44 22.08 17.54
N ASN A 137 17.89 22.20 18.79
CA ASN A 137 18.91 23.16 19.17
C ASN A 137 20.29 22.55 19.24
N GLY A 138 20.48 21.38 18.64
CA GLY A 138 21.74 20.71 18.80
C GLY A 138 21.90 20.18 20.21
N VAL A 139 23.15 19.99 20.60
CA VAL A 139 23.49 19.47 21.91
C VAL A 139 24.56 20.37 22.52
N SER A 140 24.37 20.76 23.77
CA SER A 140 25.26 21.68 24.46
C SER A 140 26.00 20.90 25.54
N GLY A 141 27.25 20.55 25.27
CA GLY A 141 28.02 19.74 26.17
C GLY A 141 29.38 20.29 26.47
N PRO A 142 30.11 19.63 27.35
CA PRO A 142 31.42 20.12 27.82
C PRO A 142 32.62 19.86 26.92
N SER A 143 32.81 20.74 25.93
CA SER A 143 34.09 20.93 25.25
C SER A 143 34.58 19.63 24.59
N GLY A 144 33.84 19.22 23.57
CA GLY A 144 34.22 18.07 22.78
C GLY A 144 33.46 16.80 23.11
N GLU A 145 32.43 16.88 23.93
CA GLU A 145 31.62 15.71 24.23
C GLU A 145 30.95 15.20 22.96
N LYS A 146 30.72 13.90 22.92
CA LYS A 146 29.80 13.31 21.96
C LYS A 146 28.74 12.57 22.75
N ILE A 147 27.50 12.87 22.49
CA ILE A 147 26.44 12.06 23.08
C ILE A 147 26.19 10.88 22.17
N HIS A 148 25.78 9.77 22.75
CA HIS A 148 25.50 8.57 21.98
C HIS A 148 24.04 8.21 22.13
N VAL A 149 23.37 7.96 21.02
CA VAL A 149 21.99 7.51 21.03
C VAL A 149 21.96 6.06 20.59
N THR A 150 21.41 5.19 21.43
CA THR A 150 21.36 3.76 21.17
C THR A 150 19.96 3.25 21.43
N VAL A 151 19.44 2.45 20.50
CA VAL A 151 18.12 1.86 20.65
C VAL A 151 18.23 0.35 20.54
N GLN A 152 17.27 -0.34 21.14
CA GLN A 152 17.15 -1.78 21.04
C GLN A 152 15.70 -2.13 20.76
N LEU A 153 15.46 -2.84 19.66
CA LEU A 153 14.15 -3.41 19.41
C LEU A 153 13.92 -4.54 20.40
N ASP A 154 13.09 -4.30 21.39
CA ASP A 154 12.87 -5.23 22.49
C ASP A 154 12.02 -6.42 22.07
N ARG A 155 10.82 -6.16 21.59
CA ARG A 155 9.88 -7.22 21.26
C ARG A 155 8.89 -6.72 20.24
N ILE A 156 8.03 -7.62 19.79
CA ILE A 156 6.95 -7.32 18.85
C ILE A 156 5.68 -7.84 19.49
N LEU A 157 4.72 -6.94 19.73
CA LEU A 157 3.45 -7.33 20.30
C LEU A 157 2.42 -7.54 19.20
N ASN A 158 1.53 -8.51 19.40
CA ASN A 158 0.50 -8.86 18.44
C ASN A 158 1.10 -9.08 17.05
N PHE A 159 1.97 -10.07 16.98
CA PHE A 159 2.68 -10.36 15.74
C PHE A 159 1.81 -11.18 14.81
N SER A 160 1.90 -10.87 13.51
CA SER A 160 1.21 -11.62 12.47
C SER A 160 2.07 -11.55 11.23
N GLY A 161 2.17 -12.65 10.51
CA GLY A 161 3.07 -12.72 9.36
C GLY A 161 2.53 -13.65 8.31
N LEU A 162 2.85 -13.33 7.06
CA LEU A 162 2.37 -14.09 5.92
C LEU A 162 3.53 -14.28 4.95
N GLY A 163 3.29 -15.09 3.93
CA GLY A 163 4.23 -15.24 2.84
C GLY A 163 5.16 -16.43 3.03
N HIS A 164 5.88 -16.74 1.95
CA HIS A 164 6.87 -17.81 1.99
C HIS A 164 7.91 -17.51 0.91
N ARG A 165 9.04 -16.95 1.31
CA ARG A 165 10.08 -16.59 0.37
C ARG A 165 10.93 -17.81 0.03
N LEU A 166 11.79 -17.63 -0.96
CA LEU A 166 12.73 -18.67 -1.35
C LEU A 166 14.01 -18.51 -0.53
N PHE A 167 14.52 -19.63 -0.03
CA PHE A 167 15.73 -19.62 0.78
C PHE A 167 16.94 -19.42 -0.13
N LYS A 168 17.40 -18.18 -0.23
CA LYS A 168 18.61 -17.88 -0.99
C LYS A 168 19.83 -17.91 -0.08
N SER B 6 -16.19 -16.39 -8.88
CA SER B 6 -15.95 -17.80 -8.61
C SER B 6 -17.12 -18.64 -9.10
N PHE B 7 -17.67 -18.25 -10.25
CA PHE B 7 -18.82 -18.94 -10.82
C PHE B 7 -18.47 -19.66 -12.12
N LEU B 8 -17.19 -19.66 -12.50
CA LEU B 8 -16.77 -20.44 -13.66
C LEU B 8 -16.83 -21.92 -13.35
N LEU B 9 -17.33 -22.71 -14.29
CA LEU B 9 -17.71 -24.09 -14.04
C LEU B 9 -16.53 -24.93 -13.57
N ASN B 10 -15.54 -25.12 -14.43
CA ASN B 10 -14.43 -26.00 -14.13
C ASN B 10 -13.10 -25.35 -14.49
N TYR B 11 -12.04 -26.13 -14.52
CA TYR B 11 -10.74 -25.62 -14.90
C TYR B 11 -10.79 -25.04 -16.30
N SER B 12 -10.44 -23.77 -16.42
CA SER B 12 -10.32 -23.11 -17.71
C SER B 12 -8.86 -23.11 -18.14
N HIS B 13 -8.65 -23.12 -19.45
CA HIS B 13 -7.31 -23.28 -19.99
C HIS B 13 -6.51 -22.00 -19.82
N CYS B 14 -5.41 -22.08 -19.09
CA CYS B 14 -4.54 -20.91 -18.96
C CYS B 14 -3.49 -20.87 -20.05
N GLY B 15 -2.68 -21.92 -20.16
CA GLY B 15 -1.60 -21.85 -21.12
C GLY B 15 -1.01 -23.16 -21.59
N THR B 16 -0.76 -23.26 -22.88
CA THR B 16 -0.09 -24.41 -23.46
C THR B 16 1.38 -24.09 -23.66
N LEU B 17 2.25 -25.02 -23.30
CA LEU B 17 3.67 -24.82 -23.51
C LEU B 17 4.01 -25.00 -24.98
N VAL B 18 4.74 -24.04 -25.54
CA VAL B 18 5.06 -24.07 -26.96
C VAL B 18 5.85 -25.32 -27.30
N GLU B 19 5.58 -25.88 -28.47
CA GLU B 19 6.22 -27.13 -28.88
C GLU B 19 7.63 -26.92 -29.43
N SER B 20 8.41 -26.12 -28.75
CA SER B 20 9.84 -26.02 -28.99
C SER B 20 10.62 -26.11 -27.69
N SER B 21 10.14 -25.49 -26.62
CA SER B 21 10.74 -25.58 -25.30
C SER B 21 10.22 -26.78 -24.52
N LEU B 22 9.67 -27.77 -25.21
CA LEU B 22 8.97 -28.85 -24.53
C LEU B 22 9.94 -29.89 -23.99
N ASN B 23 10.68 -30.55 -24.87
CA ASN B 23 11.60 -31.59 -24.45
C ASN B 23 12.96 -31.07 -24.03
N LYS B 24 13.27 -29.81 -24.31
CA LYS B 24 14.56 -29.25 -23.97
C LYS B 24 14.69 -29.04 -22.46
N GLY B 25 15.27 -30.02 -21.77
CA GLY B 25 15.44 -29.91 -20.34
C GLY B 25 14.12 -29.67 -19.65
N GLY B 26 14.13 -28.87 -18.60
CA GLY B 26 12.87 -28.46 -18.03
C GLY B 26 12.90 -27.47 -16.87
N MET B 27 12.12 -26.40 -17.03
CA MET B 27 11.66 -25.52 -15.97
C MET B 27 10.65 -24.57 -16.61
N TRP B 28 9.58 -24.28 -15.88
CA TRP B 28 8.43 -23.59 -16.47
C TRP B 28 7.90 -22.62 -15.42
N CYS B 29 8.24 -21.34 -15.55
CA CYS B 29 7.83 -20.32 -14.60
C CYS B 29 6.49 -19.74 -15.01
N VAL B 30 5.55 -19.74 -14.07
CA VAL B 30 4.22 -19.21 -14.32
C VAL B 30 3.85 -18.27 -13.17
N PRO B 31 3.46 -17.04 -13.45
CA PRO B 31 3.04 -16.14 -12.37
C PRO B 31 1.65 -16.48 -11.89
N VAL B 32 1.46 -16.45 -10.57
CA VAL B 32 0.16 -16.73 -9.99
C VAL B 32 -0.67 -15.46 -10.13
N SER B 33 -1.49 -15.40 -11.17
CA SER B 33 -2.31 -14.22 -11.42
C SER B 33 -3.46 -14.61 -12.33
N PRO B 34 -4.62 -13.97 -12.18
CA PRO B 34 -5.71 -14.22 -13.13
C PRO B 34 -5.49 -13.63 -14.49
N VAL B 35 -4.41 -12.91 -14.67
CA VAL B 35 -4.11 -12.26 -15.93
C VAL B 35 -3.20 -13.18 -16.74
N ASN B 36 -3.32 -13.10 -18.06
CA ASN B 36 -2.38 -13.77 -18.96
C ASN B 36 -1.11 -12.94 -19.06
N LEU B 37 -0.41 -12.88 -17.92
CA LEU B 37 0.81 -12.08 -17.83
C LEU B 37 1.90 -12.57 -18.76
N ALA B 38 1.79 -13.80 -19.27
CA ALA B 38 2.75 -14.30 -20.23
C ALA B 38 2.82 -13.39 -21.46
N ALA B 39 1.70 -12.84 -21.87
CA ALA B 39 1.66 -11.89 -22.98
C ALA B 39 2.01 -10.47 -22.55
N TYR B 40 2.59 -10.29 -21.37
CA TYR B 40 2.95 -8.99 -20.84
C TYR B 40 1.74 -8.08 -20.72
N LYS B 56 -3.00 -11.21 -24.40
CA LYS B 56 -4.34 -11.19 -24.98
C LYS B 56 -5.28 -12.07 -24.17
N THR B 57 -6.49 -11.57 -23.95
CA THR B 57 -7.46 -12.29 -23.14
C THR B 57 -7.81 -13.62 -23.78
N HIS B 58 -7.64 -14.69 -23.01
CA HIS B 58 -7.76 -16.05 -23.52
C HIS B 58 -9.07 -16.71 -23.12
N ASN B 59 -9.45 -16.62 -21.85
CA ASN B 59 -10.63 -17.30 -21.34
C ASN B 59 -11.34 -16.36 -20.38
N TRP B 60 -12.30 -16.91 -19.63
CA TRP B 60 -13.15 -16.08 -18.79
C TRP B 60 -12.40 -15.49 -17.61
N LEU B 61 -11.44 -16.24 -17.05
CA LEU B 61 -10.67 -15.67 -15.95
C LEU B 61 -9.83 -14.50 -16.42
N HIS B 62 -9.17 -14.64 -17.56
CA HIS B 62 -8.44 -13.52 -18.14
C HIS B 62 -9.37 -12.35 -18.45
N PHE B 63 -10.59 -12.64 -18.90
CA PHE B 63 -11.52 -11.58 -19.22
C PHE B 63 -11.92 -10.81 -17.97
N MET B 64 -12.26 -11.52 -16.90
CA MET B 64 -12.62 -10.84 -15.67
C MET B 64 -11.45 -10.07 -15.09
N ALA B 65 -10.23 -10.59 -15.25
CA ALA B 65 -9.08 -9.85 -14.75
C ALA B 65 -8.78 -8.60 -15.57
N SER B 66 -9.02 -8.64 -16.88
CA SER B 66 -8.75 -7.48 -17.71
C SER B 66 -9.79 -6.39 -17.58
N THR B 67 -11.00 -6.72 -17.17
CA THR B 67 -12.06 -5.74 -16.96
C THR B 67 -12.19 -5.32 -15.51
N THR B 68 -11.15 -5.53 -14.72
CA THR B 68 -11.11 -5.10 -13.32
C THR B 68 -9.73 -4.50 -13.07
N ALA B 69 -9.59 -3.74 -11.99
CA ALA B 69 -8.30 -3.17 -11.64
C ALA B 69 -7.56 -3.90 -10.54
N TYR B 70 -8.24 -4.67 -9.71
CA TYR B 70 -7.58 -5.28 -8.56
C TYR B 70 -8.16 -6.66 -8.29
N TRP B 71 -7.38 -7.50 -7.63
CA TRP B 71 -7.76 -8.88 -7.43
C TRP B 71 -7.09 -9.45 -6.20
N ARG B 72 -7.79 -10.37 -5.53
CA ARG B 72 -7.23 -11.18 -4.48
C ARG B 72 -8.01 -12.48 -4.43
N GLY B 73 -7.35 -13.55 -4.01
CA GLY B 73 -8.03 -14.82 -3.85
C GLY B 73 -7.11 -15.98 -4.16
N THR B 74 -7.65 -17.18 -3.96
CA THR B 74 -6.92 -18.42 -4.14
C THR B 74 -7.06 -18.91 -5.58
N LEU B 75 -5.98 -19.48 -6.10
CA LEU B 75 -6.00 -20.01 -7.45
C LEU B 75 -5.59 -21.47 -7.44
N HIS B 76 -6.39 -22.32 -8.08
CA HIS B 76 -6.11 -23.75 -8.16
C HIS B 76 -5.56 -24.06 -9.54
N TYR B 77 -4.26 -24.29 -9.62
CA TYR B 77 -3.62 -24.64 -10.89
C TYR B 77 -3.54 -26.14 -11.04
N GLN B 78 -3.50 -26.59 -12.29
CA GLN B 78 -3.36 -28.01 -12.58
C GLN B 78 -2.61 -28.16 -13.89
N MET B 79 -1.48 -28.84 -13.85
CA MET B 79 -0.68 -29.10 -15.04
C MET B 79 -1.01 -30.49 -15.56
N ARG B 80 -1.34 -30.58 -16.85
CA ARG B 80 -1.63 -31.84 -17.52
C ARG B 80 -0.56 -32.10 -18.56
N VAL B 81 0.04 -33.29 -18.50
CA VAL B 81 1.10 -33.65 -19.41
C VAL B 81 0.65 -34.83 -20.26
N THR B 82 1.09 -34.82 -21.52
CA THR B 82 0.84 -35.89 -22.47
C THR B 82 2.17 -36.36 -23.02
N TYR B 83 2.42 -37.67 -22.93
CA TYR B 83 3.65 -38.30 -23.38
C TYR B 83 3.43 -39.02 -24.70
N LYS B 84 4.54 -39.43 -25.33
CA LYS B 84 4.44 -40.23 -26.54
C LYS B 84 3.77 -41.56 -26.28
N ASP B 85 4.20 -42.25 -25.22
CA ASP B 85 3.55 -43.47 -24.77
C ASP B 85 3.56 -43.47 -23.25
N ARG B 86 2.93 -44.50 -22.67
CA ARG B 86 2.85 -44.59 -21.23
C ARG B 86 4.20 -44.84 -20.60
N ASN B 87 5.15 -45.42 -21.33
CA ASN B 87 6.45 -45.70 -20.76
C ASN B 87 7.23 -44.42 -20.47
N ALA B 88 6.96 -43.36 -21.22
CA ALA B 88 7.67 -42.11 -21.03
C ALA B 88 7.31 -41.40 -19.74
N ALA B 89 6.23 -41.81 -19.07
CA ALA B 89 5.86 -41.25 -17.77
C ALA B 89 6.71 -41.90 -16.68
N CYS B 90 7.98 -41.51 -16.66
CA CYS B 90 8.98 -42.17 -15.82
C CYS B 90 8.94 -41.72 -14.38
N ARG B 91 8.28 -40.60 -14.07
CA ARG B 91 8.17 -40.12 -12.70
C ARG B 91 6.84 -39.42 -12.54
N ASN B 92 6.52 -39.06 -11.31
CA ASN B 92 5.36 -38.22 -11.06
C ASN B 92 5.78 -36.77 -11.00
N LEU B 93 4.92 -35.90 -11.52
CA LEU B 93 5.27 -34.49 -11.72
C LEU B 93 5.30 -33.75 -10.39
N VAL B 94 6.15 -32.73 -10.32
CA VAL B 94 6.24 -31.89 -9.15
C VAL B 94 6.05 -30.43 -9.57
N ALA B 95 5.65 -29.62 -8.59
CA ALA B 95 5.37 -28.21 -8.82
C ALA B 95 5.88 -27.41 -7.63
N PHE B 96 6.76 -26.45 -7.89
CA PHE B 96 7.36 -25.63 -6.87
C PHE B 96 6.67 -24.28 -6.79
N TYR B 97 6.72 -23.65 -5.63
CA TYR B 97 6.11 -22.33 -5.48
C TYR B 97 7.01 -21.42 -4.68
N THR B 98 7.00 -20.13 -5.03
CA THR B 98 7.72 -19.15 -4.23
C THR B 98 7.02 -17.80 -4.31
N THR B 99 7.44 -16.88 -3.45
CA THR B 99 6.85 -15.55 -3.41
C THR B 99 7.84 -14.47 -3.81
N ILE B 117 13.30 -24.10 -1.62
CA ILE B 117 12.14 -24.06 -2.52
C ILE B 117 11.13 -25.15 -2.14
N SER B 118 9.87 -24.75 -2.01
CA SER B 118 8.83 -25.69 -1.62
C SER B 118 8.14 -26.28 -2.84
N SER B 119 7.70 -27.53 -2.70
CA SER B 119 7.13 -28.25 -3.83
C SER B 119 5.98 -29.12 -3.37
N VAL B 120 5.17 -29.54 -4.34
CA VAL B 120 4.13 -30.52 -4.17
C VAL B 120 4.29 -31.58 -5.26
N MET B 121 3.96 -32.81 -4.92
CA MET B 121 4.13 -33.96 -5.80
C MET B 121 2.77 -34.49 -6.22
N GLY B 122 2.59 -34.70 -7.52
CA GLY B 122 1.35 -35.20 -8.08
C GLY B 122 1.43 -36.66 -8.47
N ASP B 123 0.75 -37.01 -9.56
CA ASP B 123 0.89 -38.32 -10.15
C ASP B 123 1.66 -38.19 -11.46
N SER B 124 1.74 -39.28 -12.20
CA SER B 124 2.58 -39.30 -13.39
C SER B 124 1.99 -38.56 -14.57
N PHE B 125 0.73 -38.11 -14.50
CA PHE B 125 0.09 -37.46 -15.64
C PHE B 125 -0.51 -36.10 -15.33
N SER B 126 -0.48 -35.65 -14.08
CA SER B 126 -1.03 -34.35 -13.75
C SER B 126 -0.46 -33.92 -12.41
N VAL B 127 -0.60 -32.63 -12.11
CA VAL B 127 -0.25 -32.15 -10.78
C VAL B 127 -1.11 -30.94 -10.45
N ASP B 128 -1.77 -31.00 -9.30
CA ASP B 128 -2.59 -29.89 -8.80
C ASP B 128 -1.78 -29.10 -7.79
N ILE B 129 -2.01 -27.78 -7.76
CA ILE B 129 -1.40 -26.94 -6.75
C ILE B 129 -2.31 -25.77 -6.43
N THR B 130 -2.74 -25.67 -5.19
CA THR B 130 -3.56 -24.55 -4.75
C THR B 130 -2.67 -23.48 -4.13
N VAL B 131 -2.82 -22.25 -4.61
CA VAL B 131 -2.02 -21.13 -4.16
C VAL B 131 -2.94 -20.12 -3.49
N PRO B 132 -2.89 -20.01 -2.17
CA PRO B 132 -3.69 -19.00 -1.47
C PRO B 132 -3.04 -17.64 -1.61
N PHE B 133 -3.79 -16.61 -1.23
CA PHE B 133 -3.26 -15.26 -1.31
C PHE B 133 -2.24 -15.09 -0.19
N LEU B 134 -0.96 -15.15 -0.54
CA LEU B 134 0.12 -15.10 0.43
C LEU B 134 0.86 -13.77 0.40
N ILE B 135 0.31 -12.76 -0.27
CA ILE B 135 0.86 -11.41 -0.20
C ILE B 135 0.18 -10.70 0.95
N PRO B 136 0.90 -9.98 1.79
CA PRO B 136 0.27 -9.40 2.98
C PRO B 136 -0.48 -8.11 2.71
N THR B 137 -0.77 -7.83 1.45
CA THR B 137 -1.56 -6.66 1.08
C THR B 137 -3.05 -7.03 1.08
N CYS B 138 -3.89 -6.13 0.57
CA CYS B 138 -5.31 -6.40 0.40
C CYS B 138 -5.65 -6.84 -1.02
N TYR B 139 -5.17 -6.10 -2.02
CA TYR B 139 -5.40 -6.42 -3.42
C TYR B 139 -4.10 -6.28 -4.19
N LEU B 140 -4.05 -6.93 -5.35
CA LEU B 140 -2.97 -6.77 -6.30
C LEU B 140 -3.54 -6.24 -7.60
N GLN B 141 -2.78 -5.39 -8.27
CA GLN B 141 -3.27 -4.81 -9.51
C GLN B 141 -3.28 -5.87 -10.60
N THR B 142 -4.30 -5.79 -11.47
CA THR B 142 -4.36 -6.76 -12.56
C THR B 142 -3.48 -6.35 -13.73
N ILE B 143 -3.81 -5.22 -14.37
CA ILE B 143 -3.09 -4.76 -15.54
C ILE B 143 -3.06 -3.24 -15.56
N ARG B 144 -1.86 -2.66 -15.49
CA ARG B 144 -1.67 -1.21 -15.57
C ARG B 144 -2.55 -0.47 -14.56
N GLY B 145 -2.93 -1.14 -13.50
CA GLY B 145 -3.82 -0.55 -12.52
C GLY B 145 -4.78 -1.55 -11.94
N SER B 152 1.57 -7.17 -11.07
CA SER B 152 2.29 -7.91 -10.04
C SER B 152 1.63 -9.26 -9.79
N CYS B 153 2.41 -10.20 -9.24
CA CYS B 153 1.98 -11.59 -9.12
C CYS B 153 1.93 -12.01 -7.66
N ASN B 154 1.05 -12.95 -7.35
CA ASN B 154 0.92 -13.53 -6.03
C ASN B 154 2.05 -14.51 -5.71
N GLY B 155 3.05 -14.57 -6.55
CA GLY B 155 4.13 -15.52 -6.43
C GLY B 155 4.49 -16.06 -7.81
N CYS B 156 5.09 -17.24 -7.82
CA CYS B 156 5.41 -17.91 -9.06
C CYS B 156 5.43 -19.40 -8.81
N ILE B 157 4.83 -20.15 -9.73
CA ILE B 157 4.94 -21.59 -9.78
C ILE B 157 6.09 -21.92 -10.71
N TYR B 158 6.82 -22.97 -10.39
CA TYR B 158 7.87 -23.51 -11.23
C TYR B 158 7.53 -24.96 -11.48
N PHE B 159 7.15 -25.29 -12.70
CA PHE B 159 6.82 -26.65 -13.07
C PHE B 159 8.07 -27.30 -13.66
N HIS B 160 8.49 -28.39 -13.04
CA HIS B 160 9.59 -29.19 -13.56
C HIS B 160 9.12 -29.95 -14.78
N LEU B 161 9.53 -29.50 -15.96
CA LEU B 161 9.05 -30.10 -17.18
C LEU B 161 9.65 -31.49 -17.36
N PRO B 162 8.99 -32.34 -18.14
CA PRO B 162 9.62 -33.60 -18.52
C PRO B 162 10.88 -33.34 -19.33
N THR B 163 11.70 -34.39 -19.47
CA THR B 163 12.99 -34.26 -20.10
C THR B 163 13.09 -35.01 -21.42
N LYS B 164 12.14 -35.87 -21.75
CA LYS B 164 12.27 -36.69 -22.94
C LYS B 164 10.92 -37.30 -23.28
N SER B 165 10.66 -37.42 -24.58
CA SER B 165 9.49 -38.13 -25.11
C SER B 165 8.19 -37.63 -24.46
N ALA B 166 8.03 -36.32 -24.43
CA ALA B 166 6.76 -35.72 -24.04
C ALA B 166 6.10 -35.10 -25.27
N THR B 167 4.78 -35.01 -25.23
CA THR B 167 4.00 -34.54 -26.36
C THR B 167 3.40 -33.16 -26.12
N SER B 168 2.82 -32.93 -24.95
CA SER B 168 2.26 -31.62 -24.68
C SER B 168 2.21 -31.38 -23.19
N VAL B 169 2.27 -30.10 -22.81
CA VAL B 169 2.20 -29.68 -21.42
C VAL B 169 1.25 -28.49 -21.34
N GLN B 170 0.10 -28.69 -20.73
CA GLN B 170 -0.89 -27.63 -20.62
C GLN B 170 -1.12 -27.29 -19.16
N LEU B 171 -1.58 -26.07 -18.92
CA LEU B 171 -1.83 -25.56 -17.59
C LEU B 171 -3.23 -24.97 -17.52
N TRP B 172 -4.02 -25.46 -16.57
CA TRP B 172 -5.40 -25.08 -16.38
C TRP B 172 -5.55 -24.44 -15.02
N VAL B 173 -6.47 -23.49 -14.90
CA VAL B 173 -6.58 -22.70 -13.69
C VAL B 173 -8.04 -22.59 -13.28
N ARG B 174 -8.28 -22.60 -11.97
CA ARG B 174 -9.59 -22.50 -11.38
C ARG B 174 -9.60 -21.36 -10.38
N PRO B 175 -10.56 -20.45 -10.45
CA PRO B 175 -10.50 -19.24 -9.65
C PRO B 175 -10.80 -19.42 -8.17
N GLY B 176 -10.77 -20.64 -7.68
CA GLY B 176 -10.96 -20.78 -6.25
C GLY B 176 -12.37 -20.42 -5.83
N GLN B 177 -12.53 -20.13 -4.56
CA GLN B 177 -13.86 -19.83 -4.03
C GLN B 177 -13.93 -18.49 -3.32
N ASP B 178 -12.88 -18.10 -2.62
CA ASP B 178 -12.80 -16.80 -1.96
C ASP B 178 -12.14 -15.75 -2.85
N PHE B 179 -12.63 -15.61 -4.07
CA PHE B 179 -11.99 -14.74 -5.04
C PHE B 179 -12.70 -13.39 -5.07
N ASP B 180 -12.02 -12.40 -5.65
CA ASP B 180 -12.55 -11.05 -5.63
C ASP B 180 -11.84 -10.18 -6.66
N PHE B 181 -12.62 -9.37 -7.38
CA PHE B 181 -12.11 -8.43 -8.39
C PHE B 181 -12.70 -7.07 -8.04
N ALA B 182 -12.01 -6.29 -7.22
CA ALA B 182 -12.68 -5.15 -6.64
C ALA B 182 -12.32 -3.83 -7.34
N ARG B 183 -12.78 -3.69 -8.59
CA ARG B 183 -12.85 -2.41 -9.33
C ARG B 183 -13.49 -2.61 -10.68
N PHE B 184 -13.52 -1.53 -11.48
CA PHE B 184 -13.85 -1.61 -12.89
C PHE B 184 -12.67 -1.10 -13.70
N ARG B 185 -12.59 -1.53 -14.96
CA ARG B 185 -11.53 -1.12 -15.86
C ARG B 185 -12.02 -1.31 -17.29
N LEU B 186 -11.75 -0.33 -18.14
CA LEU B 186 -12.22 -0.39 -19.52
C LEU B 186 -11.34 -1.32 -20.34
N LEU B 187 -11.98 -2.20 -21.11
CA LEU B 187 -11.29 -3.12 -22.00
C LEU B 187 -11.93 -3.05 -23.37
N LYS B 188 -11.11 -2.92 -24.40
CA LYS B 188 -11.61 -2.88 -25.76
C LYS B 188 -12.37 -4.16 -26.10
N ALA B 189 -13.40 -4.03 -26.93
CA ALA B 189 -14.15 -5.17 -27.42
C ALA B 189 -13.75 -5.57 -28.84
N GLY B 190 -12.57 -5.18 -29.28
CA GLY B 190 -12.08 -5.53 -30.60
C GLY B 190 -11.06 -6.66 -30.57
N PRO C 2 8.28 -36.19 37.35
CA PRO C 2 8.87 -35.54 36.18
C PRO C 2 9.66 -36.51 35.31
N ASP C 3 9.14 -36.85 34.14
CA ASP C 3 9.81 -37.75 33.22
C ASP C 3 9.55 -37.26 31.80
N PHE C 4 9.88 -38.10 30.82
CA PHE C 4 9.77 -37.71 29.42
C PHE C 4 8.33 -37.47 28.98
N THR C 5 7.34 -37.92 29.73
CA THR C 5 5.95 -37.68 29.39
C THR C 5 5.48 -36.31 29.80
N LYS C 6 6.39 -35.42 30.18
CA LYS C 6 6.07 -34.02 30.40
C LYS C 6 5.50 -33.46 29.10
N ILE C 7 4.28 -32.91 29.17
CA ILE C 7 3.71 -32.28 27.99
C ILE C 7 4.46 -30.98 27.72
N ILE C 8 4.78 -30.74 26.45
CA ILE C 8 5.53 -29.56 26.04
C ILE C 8 4.57 -28.63 25.32
N TRP C 9 4.47 -27.39 25.81
CA TRP C 9 3.69 -26.36 25.13
C TRP C 9 4.64 -25.51 24.29
N PRO C 10 4.55 -25.55 22.97
CA PRO C 10 5.52 -24.81 22.16
C PRO C 10 5.30 -23.31 22.21
N THR C 11 6.14 -22.60 22.95
CA THR C 11 6.08 -21.15 23.04
C THR C 11 7.33 -20.56 22.41
N VAL C 12 7.20 -19.32 21.94
CA VAL C 12 8.33 -18.61 21.36
C VAL C 12 9.10 -17.80 22.40
N VAL C 13 8.57 -17.67 23.61
CA VAL C 13 9.21 -16.89 24.66
C VAL C 13 10.12 -17.83 25.44
N GLU C 14 11.43 -17.61 25.33
CA GLU C 14 12.41 -18.40 26.05
C GLU C 14 12.79 -17.69 27.34
N ARG C 15 13.15 -18.47 28.36
CA ARG C 15 13.52 -17.94 29.65
C ARG C 15 15.01 -17.64 29.77
N ASN C 16 15.68 -17.43 28.65
CA ASN C 16 17.06 -16.99 28.68
C ASN C 16 17.20 -15.49 28.90
N PHE C 17 16.09 -14.78 29.07
CA PHE C 17 16.14 -13.37 29.48
C PHE C 17 14.82 -13.05 30.19
N SER C 18 14.85 -13.08 31.51
CA SER C 18 13.67 -12.79 32.32
C SER C 18 13.67 -11.30 32.70
N ASN C 19 12.83 -10.95 33.68
CA ASN C 19 12.53 -9.57 34.05
C ASN C 19 13.79 -8.72 34.18
N PRO C 20 13.98 -7.77 33.28
CA PRO C 20 15.16 -6.90 33.35
C PRO C 20 14.99 -5.74 34.32
N GLN C 21 15.30 -5.95 35.59
CA GLN C 21 15.22 -4.87 36.56
C GLN C 21 16.29 -3.82 36.28
N SER C 22 15.98 -2.58 36.64
CA SER C 22 16.90 -1.47 36.45
C SER C 22 16.71 -0.51 37.62
N GLU C 23 17.80 -0.18 38.31
CA GLU C 23 17.71 0.61 39.53
C GLU C 23 18.68 1.78 39.48
N ILE C 24 18.21 2.94 39.94
CA ILE C 24 19.02 4.15 39.96
C ILE C 24 19.97 4.10 41.15
N THR C 25 21.24 4.40 40.91
CA THR C 25 22.27 4.24 41.92
C THR C 25 22.89 5.56 42.37
N THR C 26 23.47 6.33 41.45
CA THR C 26 24.41 7.38 41.80
C THR C 26 23.81 8.77 41.82
N THR C 27 22.49 8.90 41.66
CA THR C 27 21.90 10.23 41.61
C THR C 27 20.45 10.15 42.05
N LEU C 28 19.74 11.26 41.93
CA LEU C 28 18.35 11.34 42.30
C LEU C 28 17.46 10.98 41.12
N GLN C 29 16.28 10.46 41.43
CA GLN C 29 15.35 10.06 40.38
C GLN C 29 14.88 11.26 39.57
N GLU C 30 14.54 12.36 40.24
CA GLU C 30 14.08 13.54 39.53
C GLU C 30 15.10 14.05 38.53
N LEU C 31 16.35 13.60 38.64
CA LEU C 31 17.39 13.91 37.66
C LEU C 31 17.56 12.80 36.63
N TYR C 32 16.84 11.69 36.76
CA TYR C 32 16.99 10.58 35.83
C TYR C 32 15.66 9.85 35.75
N GLY C 33 14.89 10.14 34.71
CA GLY C 33 13.56 9.58 34.55
C GLY C 33 13.45 8.71 33.30
N ASP C 34 12.66 7.66 33.41
CA ASP C 34 12.31 6.79 32.28
C ASP C 34 10.92 7.16 31.81
N THR C 35 10.79 7.50 30.54
CA THR C 35 9.50 7.83 29.95
C THR C 35 9.00 6.66 29.12
N PHE C 36 7.73 6.36 29.25
CA PHE C 36 7.09 5.37 28.39
C PHE C 36 6.01 6.08 27.58
N GLU C 37 6.23 6.20 26.29
CA GLU C 37 5.31 6.87 25.39
C GLU C 37 4.83 5.90 24.33
N THR C 38 3.90 6.39 23.52
CA THR C 38 3.35 5.63 22.40
C THR C 38 3.29 6.60 21.23
N VAL C 39 4.12 6.35 20.21
CA VAL C 39 4.22 7.29 19.10
C VAL C 39 3.09 7.04 18.11
N SER C 40 1.95 7.68 18.33
CA SER C 40 0.83 7.62 17.42
C SER C 40 0.75 8.91 16.61
N ILE C 41 -0.05 8.85 15.55
CA ILE C 41 -0.20 9.98 14.64
C ILE C 41 -1.35 10.85 15.11
N CYS C 42 -1.06 12.12 15.38
CA CYS C 42 -2.08 13.09 15.77
C CYS C 42 -2.21 14.15 14.70
N PRO C 43 -3.39 14.35 14.12
CA PRO C 43 -3.58 15.47 13.22
C PRO C 43 -3.44 16.78 13.97
N PRO C 44 -2.96 17.83 13.31
CA PRO C 44 -2.77 19.11 14.00
C PRO C 44 -4.07 19.66 14.54
N GLN C 45 -3.94 20.68 15.40
CA GLN C 45 -5.08 21.21 16.10
C GLN C 45 -5.82 22.26 15.28
N SER C 46 -5.10 23.17 14.65
CA SER C 46 -5.74 24.30 13.97
C SER C 46 -5.94 24.07 12.49
N TYR C 47 -5.41 22.99 11.93
CA TYR C 47 -5.65 22.63 10.54
C TYR C 47 -5.44 21.14 10.36
N GLY C 48 -5.63 20.67 9.15
CA GLY C 48 -5.70 19.25 8.90
C GLY C 48 -7.04 18.88 8.29
N GLY C 49 -7.02 17.99 7.30
CA GLY C 49 -8.17 17.69 6.48
C GLY C 49 -9.47 17.40 7.21
N GLU C 50 -9.38 17.08 8.50
CA GLU C 50 -10.57 16.78 9.29
C GLU C 50 -11.44 18.01 9.52
N LEU C 51 -10.96 19.21 9.18
CA LEU C 51 -11.80 20.39 9.21
C LEU C 51 -12.62 20.53 7.94
N LEU C 52 -12.12 20.03 6.82
CA LEU C 52 -12.83 20.06 5.55
C LEU C 52 -13.92 19.01 5.47
N LYS C 53 -14.09 18.19 6.50
CA LYS C 53 -15.06 17.09 6.47
C LYS C 53 -16.47 17.65 6.34
N GLY C 54 -17.07 17.47 5.17
CA GLY C 54 -18.39 17.99 4.89
C GLY C 54 -18.39 19.26 4.09
N LYS C 55 -17.24 19.90 3.93
CA LYS C 55 -17.14 21.20 3.31
C LYS C 55 -16.45 21.11 1.95
N ILE C 56 -16.68 22.12 1.12
CA ILE C 56 -16.03 22.22 -0.18
C ILE C 56 -14.54 22.48 0.02
N PHE C 57 -13.73 21.88 -0.85
CA PHE C 57 -12.32 22.21 -0.90
C PHE C 57 -11.80 22.55 -2.29
N PHE C 58 -12.59 22.38 -3.34
CA PHE C 58 -12.08 22.76 -4.65
C PHE C 58 -13.24 23.19 -5.53
N SER C 59 -12.94 24.12 -6.45
CA SER C 59 -13.98 24.63 -7.33
C SER C 59 -13.34 25.15 -8.60
N SER C 60 -13.79 24.65 -9.74
CA SER C 60 -13.38 25.17 -11.02
C SER C 60 -14.59 25.57 -11.84
N THR C 61 -14.36 26.37 -12.87
CA THR C 61 -15.40 26.77 -13.79
C THR C 61 -14.81 26.75 -15.20
N PRO C 62 -14.71 25.58 -15.81
CA PRO C 62 -14.24 25.50 -17.19
C PRO C 62 -15.38 25.76 -18.17
N GLU C 63 -15.01 25.75 -19.44
CA GLU C 63 -15.93 26.06 -20.52
C GLU C 63 -15.79 25.03 -21.62
N PHE C 64 -16.82 24.96 -22.47
CA PHE C 64 -16.79 24.10 -23.64
C PHE C 64 -17.69 24.71 -24.70
N THR C 65 -17.31 24.50 -25.96
CA THR C 65 -18.00 25.13 -27.07
C THR C 65 -19.19 24.30 -27.54
N ARG C 66 -19.97 24.90 -28.44
CA ARG C 66 -21.10 24.20 -29.05
C ARG C 66 -20.63 23.03 -29.90
N GLU C 67 -19.53 23.22 -30.64
CA GLU C 67 -19.05 22.18 -31.55
C GLU C 67 -18.51 20.97 -30.82
N ASP C 68 -18.26 21.07 -29.52
CA ASP C 68 -17.82 19.93 -28.72
C ASP C 68 -18.97 19.15 -28.12
N LEU C 69 -20.21 19.44 -28.50
CA LEU C 69 -21.38 18.77 -27.93
C LEU C 69 -21.87 17.63 -28.80
N VAL C 70 -20.94 16.91 -29.43
CA VAL C 70 -21.26 15.68 -30.12
C VAL C 70 -21.44 14.58 -29.09
N GLU C 71 -21.96 13.44 -29.51
CA GLU C 71 -22.12 12.30 -28.62
C GLU C 71 -20.75 11.74 -28.24
N GLY C 72 -20.47 11.67 -26.94
CA GLY C 72 -19.29 11.02 -26.42
C GLY C 72 -18.15 11.94 -26.05
N LYS C 73 -18.13 13.16 -26.58
CA LYS C 73 -16.98 14.04 -26.40
C LYS C 73 -16.80 14.41 -24.93
N ILE C 74 -15.55 14.40 -24.49
CA ILE C 74 -15.20 14.84 -23.15
C ILE C 74 -15.18 16.36 -23.12
N LEU C 75 -15.95 16.94 -22.20
CA LEU C 75 -16.05 18.40 -22.12
C LEU C 75 -15.09 18.99 -21.11
N ALA C 76 -15.09 18.47 -19.88
CA ALA C 76 -14.19 18.92 -18.84
C ALA C 76 -13.58 17.72 -18.15
N SER C 77 -12.34 17.87 -17.70
CA SER C 77 -11.61 16.81 -17.04
C SER C 77 -10.97 17.35 -15.77
N PHE C 78 -10.73 16.45 -14.83
CA PHE C 78 -10.13 16.83 -13.55
C PHE C 78 -9.32 15.65 -13.04
N LYS C 79 -8.00 15.80 -12.99
CA LYS C 79 -7.17 14.80 -12.35
C LYS C 79 -7.28 14.97 -10.85
N LEU C 80 -7.59 13.88 -10.15
CA LEU C 80 -7.73 13.97 -8.70
C LEU C 80 -6.40 14.26 -8.01
N ASP C 81 -5.28 13.93 -8.65
CA ASP C 81 -3.99 14.26 -8.07
C ASP C 81 -3.66 15.73 -8.21
N GLU C 82 -4.35 16.45 -9.10
CA GLU C 82 -4.21 17.89 -9.21
C GLU C 82 -5.24 18.62 -8.36
N VAL C 83 -6.47 18.13 -8.34
CA VAL C 83 -7.51 18.73 -7.52
C VAL C 83 -7.13 18.66 -6.04
N LEU C 84 -6.37 17.66 -5.66
CA LEU C 84 -5.93 17.50 -4.28
C LEU C 84 -4.57 18.13 -4.00
N SER C 85 -3.97 18.80 -4.99
CA SER C 85 -2.67 19.43 -4.82
C SER C 85 -2.65 20.81 -5.46
N GLY C 86 -3.80 21.47 -5.53
CA GLY C 86 -3.89 22.78 -6.15
C GLY C 86 -3.28 23.88 -5.31
N LEU C 87 -3.69 25.12 -5.57
CA LEU C 87 -3.13 26.28 -4.90
C LEU C 87 -4.06 26.92 -3.89
N GLY C 88 -5.30 26.46 -3.81
CA GLY C 88 -6.26 27.03 -2.88
C GLY C 88 -5.95 26.64 -1.45
N MET C 89 -6.73 27.22 -0.54
CA MET C 89 -6.58 26.86 0.86
C MET C 89 -7.14 25.48 1.15
N GLY C 90 -8.18 25.06 0.43
CA GLY C 90 -8.70 23.73 0.63
C GLY C 90 -7.71 22.66 0.23
N ALA C 91 -6.96 22.90 -0.84
CA ALA C 91 -6.00 21.91 -1.31
C ALA C 91 -4.77 21.87 -0.41
N MET C 92 -4.24 23.04 -0.03
CA MET C 92 -3.03 23.07 0.77
C MET C 92 -3.22 22.42 2.13
N LEU C 93 -4.43 22.44 2.66
CA LEU C 93 -4.73 21.64 3.83
C LEU C 93 -4.77 20.16 3.52
N MET C 94 -4.96 19.79 2.26
CA MET C 94 -5.05 18.38 1.88
C MET C 94 -3.71 17.80 1.46
N THR C 95 -2.80 18.63 0.94
CA THR C 95 -1.47 18.11 0.60
C THR C 95 -0.62 17.86 1.83
N GLN C 96 -1.08 18.25 3.02
CA GLN C 96 -0.34 17.95 4.23
C GLN C 96 -0.58 16.51 4.68
N ILE C 97 -1.73 15.95 4.34
CA ILE C 97 -1.98 14.53 4.60
C ILE C 97 -1.15 13.72 3.61
N MET C 98 -0.23 12.92 4.12
CA MET C 98 0.60 12.13 3.24
C MET C 98 -0.01 10.77 2.93
N SER C 99 -0.75 10.19 3.87
CA SER C 99 -1.43 8.94 3.62
C SER C 99 -2.66 8.86 4.51
N GLY C 100 -3.69 8.17 4.01
CA GLY C 100 -4.94 8.05 4.72
C GLY C 100 -6.07 7.74 3.75
N HIS C 101 -7.28 7.98 4.23
CA HIS C 101 -8.49 7.70 3.46
C HIS C 101 -9.23 8.99 3.14
N ALA C 102 -9.90 9.01 1.99
CA ALA C 102 -10.69 10.18 1.62
C ALA C 102 -11.81 9.76 0.69
N THR C 103 -13.06 9.99 1.13
CA THR C 103 -14.25 9.86 0.29
C THR C 103 -14.66 11.26 -0.12
N ILE C 104 -14.80 11.48 -1.43
CA ILE C 104 -14.88 12.80 -2.04
C ILE C 104 -16.20 12.94 -2.78
N ARG C 105 -16.90 14.04 -2.53
CA ARG C 105 -18.10 14.39 -3.26
C ARG C 105 -17.76 15.33 -4.41
N VAL C 106 -18.41 15.13 -5.55
CA VAL C 106 -18.21 15.99 -6.72
C VAL C 106 -19.56 16.39 -7.28
N SER C 107 -19.70 17.67 -7.60
CA SER C 107 -20.96 18.22 -8.09
C SER C 107 -20.69 19.05 -9.34
N ALA C 108 -21.62 18.98 -10.28
CA ALA C 108 -21.54 19.68 -11.54
C ALA C 108 -22.82 20.48 -11.76
N LYS C 109 -22.67 21.58 -12.50
CA LYS C 109 -23.73 22.57 -12.63
C LYS C 109 -23.44 23.41 -13.87
N VAL C 110 -24.33 23.37 -14.86
CA VAL C 110 -24.17 24.13 -16.09
C VAL C 110 -25.27 25.18 -16.16
N MET C 111 -24.89 26.38 -16.60
CA MET C 111 -25.82 27.50 -16.67
C MET C 111 -26.34 27.61 -18.09
N LEU C 112 -27.66 27.51 -18.24
CA LEU C 112 -28.31 27.46 -19.55
C LEU C 112 -29.50 28.40 -19.57
N SER C 113 -29.97 28.69 -20.77
CA SER C 113 -31.21 29.45 -20.94
C SER C 113 -32.38 28.54 -20.63
N LYS C 114 -33.59 29.02 -20.88
CA LYS C 114 -34.75 28.15 -20.86
C LYS C 114 -35.03 27.54 -22.23
N PHE C 115 -34.23 27.88 -23.24
CA PHE C 115 -34.39 27.31 -24.56
C PHE C 115 -33.59 26.02 -24.72
N CYS C 116 -32.27 26.10 -24.58
CA CYS C 116 -31.43 24.94 -24.75
C CYS C 116 -31.49 24.06 -23.52
N SER C 117 -31.37 22.75 -23.76
CA SER C 117 -31.26 21.77 -22.69
C SER C 117 -30.69 20.51 -23.30
N PHE C 118 -29.57 20.04 -22.75
CA PHE C 118 -28.97 18.80 -23.21
C PHE C 118 -28.57 17.98 -22.00
N ALA C 119 -28.33 16.70 -22.22
CA ALA C 119 -27.99 15.76 -21.16
C ALA C 119 -26.48 15.56 -21.12
N LEU C 120 -25.96 15.40 -19.91
CA LEU C 120 -24.53 15.20 -19.71
C LEU C 120 -24.32 14.04 -18.74
N LYS C 121 -23.27 13.27 -18.99
CA LYS C 121 -22.86 12.22 -18.07
C LYS C 121 -21.68 12.72 -17.25
N LEU C 122 -21.68 12.42 -15.97
CA LEU C 122 -20.58 12.78 -15.08
C LEU C 122 -19.91 11.49 -14.64
N VAL C 123 -18.74 11.18 -15.21
CA VAL C 123 -18.13 9.87 -15.03
C VAL C 123 -16.88 10.00 -14.17
N TYR C 124 -16.57 8.93 -13.46
CA TYR C 124 -15.35 8.82 -12.65
C TYR C 124 -14.46 7.74 -13.24
N ASP C 125 -13.61 8.12 -14.18
CA ASP C 125 -12.62 7.22 -14.77
C ASP C 125 -11.54 6.97 -13.74
N GLU C 126 -11.55 5.79 -13.14
CA GLU C 126 -10.75 5.56 -11.95
C GLU C 126 -9.32 5.15 -12.27
N LEU C 127 -9.10 4.56 -13.43
CA LEU C 127 -7.76 4.18 -13.86
C LEU C 127 -7.17 5.12 -14.89
N MET C 128 -7.81 6.26 -15.14
CA MET C 128 -7.32 7.28 -16.05
C MET C 128 -7.04 6.69 -17.43
N GLN C 129 -8.11 6.18 -18.05
CA GLN C 129 -8.03 5.54 -19.35
C GLN C 129 -8.65 6.37 -20.46
N LEU C 130 -9.02 7.62 -20.16
CA LEU C 130 -9.63 8.51 -21.14
C LEU C 130 -8.94 9.85 -21.07
N ASN C 131 -8.10 10.15 -22.05
CA ASN C 131 -7.58 11.50 -22.17
C ASN C 131 -8.73 12.45 -22.52
N SER C 132 -8.47 13.75 -22.37
CA SER C 132 -9.52 14.72 -22.61
C SER C 132 -9.91 14.81 -24.08
N ASP C 133 -9.10 14.29 -24.99
CA ASP C 133 -9.43 14.28 -26.42
C ASP C 133 -10.01 12.92 -26.80
N THR C 134 -11.13 12.59 -26.19
CA THR C 134 -11.84 11.34 -26.47
C THR C 134 -13.28 11.63 -26.84
N THR C 135 -13.69 11.14 -28.01
CA THR C 135 -15.05 11.25 -28.51
C THR C 135 -15.68 9.87 -28.67
N ASP C 136 -15.31 8.93 -27.80
CA ASP C 136 -15.62 7.53 -28.02
C ASP C 136 -17.10 7.23 -27.84
N PHE C 137 -17.61 7.46 -26.63
CA PHE C 137 -18.94 7.12 -26.16
C PHE C 137 -19.11 5.62 -25.92
N GLY C 138 -18.16 4.82 -26.37
CA GLY C 138 -18.22 3.43 -26.00
C GLY C 138 -17.69 3.36 -24.59
N LYS C 139 -16.65 4.15 -24.33
CA LYS C 139 -16.07 4.24 -23.00
C LYS C 139 -16.95 5.07 -22.08
N ILE C 140 -17.57 6.12 -22.60
CA ILE C 140 -18.41 6.98 -21.78
C ILE C 140 -19.62 6.21 -21.28
N SER C 141 -20.26 5.43 -22.14
CA SER C 141 -21.52 4.80 -21.78
C SER C 141 -21.38 3.80 -20.65
N VAL C 142 -20.18 3.28 -20.41
CA VAL C 142 -19.98 2.21 -19.44
C VAL C 142 -19.28 2.64 -18.18
N LEU C 143 -18.68 3.84 -18.16
CA LEU C 143 -17.96 4.29 -16.97
C LEU C 143 -18.94 4.57 -15.83
N PRO C 144 -18.50 4.41 -14.59
CA PRO C 144 -19.38 4.69 -13.46
C PRO C 144 -19.73 6.17 -13.42
N GLY C 145 -21.02 6.44 -13.35
CA GLY C 145 -21.48 7.82 -13.34
C GLY C 145 -22.95 7.86 -13.66
N ALA C 146 -23.47 9.07 -13.77
CA ALA C 146 -24.88 9.25 -14.02
C ALA C 146 -25.11 10.37 -15.01
N ILE C 147 -26.27 10.32 -15.65
CA ILE C 147 -26.73 11.30 -16.61
C ILE C 147 -27.58 12.33 -15.87
N PHE C 148 -27.60 13.56 -16.39
CA PHE C 148 -28.40 14.60 -15.79
C PHE C 148 -28.65 15.69 -16.82
N SER C 149 -29.78 16.38 -16.66
CA SER C 149 -30.14 17.49 -17.53
C SER C 149 -29.54 18.77 -17.00
N THR C 150 -28.92 19.55 -17.88
CA THR C 150 -28.08 20.66 -17.49
C THR C 150 -28.83 21.97 -17.36
N GLN C 151 -30.15 21.97 -17.47
CA GLN C 151 -30.89 23.21 -17.42
C GLN C 151 -31.64 23.41 -16.11
N GLU C 152 -32.26 22.37 -15.58
CA GLU C 152 -33.08 22.48 -14.38
C GLU C 152 -32.43 21.82 -13.17
N GLU C 153 -31.18 21.41 -13.27
CA GLU C 153 -30.65 20.45 -12.31
C GLU C 153 -29.18 20.73 -12.05
N GLU C 154 -28.70 20.17 -10.94
CA GLU C 154 -27.32 20.30 -10.49
C GLU C 154 -26.95 18.97 -9.85
N PHE C 155 -26.08 18.21 -10.50
CA PHE C 155 -25.95 16.81 -10.12
C PHE C 155 -24.65 16.54 -9.37
N SER C 156 -24.75 15.72 -8.32
CA SER C 156 -23.63 15.46 -7.44
C SER C 156 -23.61 13.99 -7.07
N PHE C 157 -22.41 13.47 -6.78
CA PHE C 157 -22.30 12.11 -6.28
C PHE C 157 -20.98 11.95 -5.55
N ASP C 158 -20.90 10.89 -4.73
CA ASP C 158 -19.77 10.60 -3.88
C ASP C 158 -18.97 9.44 -4.46
N PHE C 159 -17.66 9.46 -4.24
CA PHE C 159 -16.87 8.29 -4.60
C PHE C 159 -15.70 8.16 -3.64
N GLU C 160 -15.34 6.92 -3.36
CA GLU C 160 -14.27 6.61 -2.42
C GLU C 160 -13.00 6.32 -3.20
N LEU C 161 -11.90 6.92 -2.75
CA LEU C 161 -10.60 6.66 -3.37
C LEU C 161 -10.10 5.29 -2.94
N PHE C 162 -9.83 4.43 -3.91
CA PHE C 162 -9.46 3.05 -3.63
C PHE C 162 -7.95 2.90 -3.49
N SER C 163 -7.53 2.15 -2.48
CA SER C 163 -6.14 1.80 -2.31
C SER C 163 -5.96 0.30 -2.34
N PRO C 164 -4.93 -0.20 -3.03
CA PRO C 164 -4.63 -1.63 -2.95
C PRO C 164 -4.29 -2.08 -1.55
N GLY C 165 -3.55 -1.27 -0.80
CA GLY C 165 -3.25 -1.56 0.59
C GLY C 165 -4.39 -1.19 1.51
N VAL C 166 -4.05 -0.97 2.78
CA VAL C 166 -5.06 -0.65 3.77
C VAL C 166 -5.34 0.85 3.81
N HIS C 167 -4.32 1.66 3.63
CA HIS C 167 -4.46 3.10 3.47
C HIS C 167 -3.98 3.49 2.09
N LEU C 168 -4.12 4.77 1.79
CA LEU C 168 -3.82 5.29 0.46
C LEU C 168 -2.74 6.34 0.57
N LYS C 169 -1.55 6.03 0.06
CA LYS C 169 -0.46 6.99 0.03
C LYS C 169 -0.79 8.13 -0.92
N PHE C 170 -0.84 9.35 -0.41
CA PHE C 170 -1.14 10.50 -1.24
C PHE C 170 0.11 11.15 -1.81
N ASP C 171 1.24 11.05 -1.10
CA ASP C 171 2.45 11.74 -1.51
C ASP C 171 2.99 11.14 -2.79
N ASN C 172 3.14 11.98 -3.82
CA ASN C 172 3.69 11.57 -5.11
C ASN C 172 2.87 10.45 -5.71
N ASN C 173 1.55 10.63 -5.74
CA ASN C 173 0.61 9.64 -6.21
C ASN C 173 -0.19 10.26 -7.35
N LYS C 174 0.27 10.02 -8.58
CA LYS C 174 -0.39 10.53 -9.77
C LYS C 174 -1.40 9.55 -10.34
N LEU C 175 -1.98 8.69 -9.51
CA LEU C 175 -2.93 7.68 -9.95
C LEU C 175 -4.14 7.65 -9.04
N LEU C 176 -4.71 8.82 -8.75
CA LEU C 176 -5.85 8.92 -7.86
C LEU C 176 -7.19 8.98 -8.58
N GLY C 177 -7.21 9.00 -9.89
CA GLY C 177 -8.46 9.02 -10.63
C GLY C 177 -8.58 10.23 -11.53
N LYS C 178 -9.69 10.27 -12.25
CA LYS C 178 -9.89 11.28 -13.30
C LYS C 178 -11.39 11.44 -13.49
N VAL C 179 -11.93 12.60 -13.17
CA VAL C 179 -13.36 12.87 -13.33
C VAL C 179 -13.57 13.56 -14.66
N HIS C 180 -14.63 13.18 -15.38
CA HIS C 180 -14.92 13.74 -16.68
C HIS C 180 -16.38 14.12 -16.79
N LEU C 181 -16.64 15.13 -17.61
CA LEU C 181 -17.99 15.51 -18.01
C LEU C 181 -18.12 15.24 -19.50
N ALA C 182 -19.03 14.34 -19.85
CA ALA C 182 -19.15 13.86 -21.21
C ALA C 182 -20.48 14.26 -21.82
N ALA C 183 -20.44 14.58 -23.11
CA ALA C 183 -21.63 15.00 -23.84
C ALA C 183 -22.28 13.80 -24.51
N LEU C 184 -23.58 13.65 -24.30
CA LEU C 184 -24.31 12.53 -24.85
C LEU C 184 -25.03 12.84 -26.14
N SER C 185 -25.32 14.11 -26.40
CA SER C 185 -26.17 14.46 -27.54
C SER C 185 -25.92 15.91 -27.93
N ALA C 186 -26.36 16.25 -29.13
CA ALA C 186 -26.33 17.63 -29.58
C ALA C 186 -27.29 18.46 -28.76
N PRO C 187 -27.13 19.78 -28.75
CA PRO C 187 -28.02 20.64 -27.97
C PRO C 187 -29.46 20.57 -28.47
N ASN C 188 -30.35 21.15 -27.67
CA ASN C 188 -31.76 21.22 -28.03
C ASN C 188 -31.96 22.02 -29.31
N LEU C 189 -31.64 23.30 -29.26
CA LEU C 189 -31.69 24.20 -30.41
C LEU C 189 -30.26 24.64 -30.72
N THR C 190 -29.94 24.72 -32.00
CA THR C 190 -28.58 25.05 -32.42
C THR C 190 -28.46 26.38 -33.14
N GLU C 191 -29.57 27.00 -33.53
CA GLU C 191 -29.52 28.24 -34.30
C GLU C 191 -29.64 29.44 -33.37
N ASN C 192 -28.79 30.44 -33.58
CA ASN C 192 -28.85 31.70 -32.86
C ASN C 192 -28.69 31.47 -31.36
N MET C 193 -27.70 30.66 -31.01
CA MET C 193 -27.46 30.24 -29.65
C MET C 193 -26.05 30.62 -29.23
N PRO C 194 -25.77 30.62 -27.93
CA PRO C 194 -24.40 30.90 -27.48
C PRO C 194 -23.43 29.87 -28.02
N GLU C 195 -22.20 30.31 -28.26
CA GLU C 195 -21.16 29.48 -28.86
C GLU C 195 -20.26 28.84 -27.82
N SER C 196 -20.61 28.94 -26.55
CA SER C 196 -19.77 28.42 -25.47
C SER C 196 -20.60 28.40 -24.20
N PHE C 197 -20.23 27.52 -23.28
CA PHE C 197 -20.94 27.38 -22.02
C PHE C 197 -19.95 27.43 -20.87
N SER C 198 -20.49 27.42 -19.66
CA SER C 198 -19.71 27.54 -18.44
C SER C 198 -20.23 26.51 -17.45
N CYS C 199 -19.37 25.63 -16.99
CA CYS C 199 -19.77 24.59 -16.04
C CYS C 199 -18.99 24.76 -14.75
N THR C 200 -19.69 24.66 -13.62
CA THR C 200 -19.06 24.77 -12.31
C THR C 200 -18.88 23.39 -11.72
N PHE C 201 -17.70 23.12 -11.18
CA PHE C 201 -17.38 21.88 -10.50
C PHE C 201 -16.96 22.21 -9.08
N ASN C 202 -17.59 21.55 -8.12
CA ASN C 202 -17.30 21.74 -6.70
C ASN C 202 -16.94 20.39 -6.10
N PHE C 203 -15.68 20.20 -5.76
CA PHE C 203 -15.23 19.01 -5.06
C PHE C 203 -15.23 19.27 -3.57
N SER C 204 -15.89 18.38 -2.83
CA SER C 204 -16.04 18.46 -1.39
C SER C 204 -15.40 17.23 -0.76
N ILE C 205 -15.19 17.29 0.54
CA ILE C 205 -14.72 16.17 1.33
C ILE C 205 -15.92 15.57 2.06
N VAL C 206 -16.23 14.33 1.76
CA VAL C 206 -17.23 13.61 2.53
C VAL C 206 -16.61 13.01 3.79
N ASP C 207 -15.39 12.47 3.66
CA ASP C 207 -14.74 11.89 4.83
C ASP C 207 -13.24 11.86 4.58
N VAL C 208 -12.47 12.14 5.63
CA VAL C 208 -11.01 12.08 5.56
C VAL C 208 -10.48 11.49 6.85
N LYS C 209 -9.54 10.57 6.73
CA LYS C 209 -8.78 10.06 7.85
C LYS C 209 -7.30 10.18 7.50
N THR C 210 -6.51 10.62 8.47
CA THR C 210 -5.08 10.84 8.30
C THR C 210 -4.34 9.76 9.08
N THR C 211 -3.67 8.87 8.36
CA THR C 211 -2.83 7.87 9.00
C THR C 211 -1.37 8.29 9.07
N PHE C 212 -1.00 9.39 8.44
CA PHE C 212 0.33 9.96 8.59
C PHE C 212 0.31 11.39 8.09
N TYR C 213 0.92 12.29 8.86
CA TYR C 213 0.87 13.72 8.55
C TYR C 213 2.26 14.24 8.23
N ASN C 214 2.31 15.20 7.32
CA ASN C 214 3.58 15.74 6.87
C ASN C 214 4.12 16.74 7.88
N ILE C 215 5.41 16.64 8.17
CA ILE C 215 6.08 17.53 9.12
C ILE C 215 7.38 17.99 8.47
N GLY C 216 7.31 19.14 7.81
CA GLY C 216 8.48 19.77 7.19
C GLY C 216 9.35 18.89 6.32
#